data_5N3A
#
_entry.id   5N3A
#
_cell.length_a   58.326
_cell.length_b   72.411
_cell.length_c   108.434
_cell.angle_alpha   90.00
_cell.angle_beta   90.00
_cell.angle_gamma   90.00
#
_symmetry.space_group_name_H-M   'P 21 21 21'
#
loop_
_entity.id
_entity.type
_entity.pdbx_description
1 polymer 'cAMP-dependent protein kinase catalytic subunit alpha'
2 polymer 'cAMP dependent protein kinase inhibitor alpha-like protein'
3 non-polymer 'DIMETHYL SULFOXIDE'
4 non-polymer (4S)-2-METHYL-2,4-PENTANEDIOL
5 non-polymer 4-methyl-5-(1-methyl-1H-imidazol-2-yl)-1,3-thiazol-2-amine
6 water water
#
loop_
_entity_poly.entity_id
_entity_poly.type
_entity_poly.pdbx_seq_one_letter_code
_entity_poly.pdbx_strand_id
1 'polypeptide(L)'
;GHMGNAAAAKKG(SEP)EQESVKEFLAKAKEEFLKKWESPSQNTAQLDHFDRIKTLGTGSFGRVMLVKHKETGNHYAMKI
LDKQKVVKLKQIEHTLNEKRILQAVNFPFLVKLEFSFKDNSNLYMVMEYVPGGEMFSHLRRIGRF(SEP)EPHARFYAAQ
IVLTFEYLHSLDLIYRDLKPENLLIDQQGYIQVTDFGFAKRVKGRTW(TPO)LCGTPEYLAPEIILSKGYNKAVDWWALG
VLIYEMAAGYPPFFADQPIQIYEKIVSGKVRFPSHFSSDLKDLLRNLLQVDLTKRFGNLKNGVNDIKNHKWFATTDWIAI
YQRKVEAPFIPKFKGPGDTSNFDDYEEEEIRV(SEP)INEKCGKEFTEF
;
A
2 'polypeptide(L)' IAAGRTGRRQAIHDILVAA B
#
# COMPACT_ATOMS: atom_id res chain seq x y z
N GLY A 1 4.43 10.57 35.29
CA GLY A 1 4.60 10.39 33.86
C GLY A 1 3.29 10.60 33.11
N HIS A 2 3.29 10.35 31.79
CA HIS A 2 2.07 10.50 31.02
C HIS A 2 1.05 9.43 31.36
N MET A 3 1.50 8.21 31.63
CA MET A 3 0.64 7.10 32.01
C MET A 3 0.80 6.82 33.49
N GLY A 4 -0.32 6.49 34.15
CA GLY A 4 -0.27 5.93 35.47
C GLY A 4 0.18 4.47 35.44
N ASN A 5 0.22 3.89 36.65
CA ASN A 5 0.72 2.53 36.80
C ASN A 5 -0.10 1.51 36.01
N ALA A 6 -1.43 1.63 36.05
CA ALA A 6 -2.27 0.64 35.39
C ALA A 6 -2.17 0.75 33.88
N ALA A 7 -2.16 1.98 33.35
CA ALA A 7 -2.06 2.18 31.92
C ALA A 7 -0.72 1.71 31.38
N ALA A 8 0.37 1.99 32.12
CA ALA A 8 1.69 1.59 31.65
C ALA A 8 1.81 0.08 31.61
N ALA A 9 1.27 -0.62 32.61
CA ALA A 9 1.30 -2.07 32.62
C ALA A 9 0.47 -2.66 31.48
N LYS A 10 -0.71 -2.10 31.23
CA LYS A 10 -1.53 -2.56 30.12
C LYS A 10 -0.80 -2.39 28.80
N LYS A 11 -0.15 -1.24 28.61
CA LYS A 11 0.53 -0.98 27.35
C LYS A 11 1.73 -1.91 27.18
N GLY A 12 2.49 -2.15 28.24
CA GLY A 12 3.62 -3.05 28.14
C GLY A 12 3.17 -4.45 27.77
N GLU A 14 0.43 -5.26 26.23
CA GLU A 14 -0.03 -5.20 24.84
C GLU A 14 1.14 -5.30 23.87
N GLN A 15 2.25 -4.62 24.21
CA GLN A 15 3.41 -4.62 23.33
C GLN A 15 4.06 -6.00 23.27
N GLU A 16 4.11 -6.71 24.41
CA GLU A 16 4.64 -8.07 24.41
C GLU A 16 3.74 -9.01 23.61
N SER A 17 2.43 -8.83 23.70
CA SER A 17 1.52 -9.64 22.88
C SER A 17 1.75 -9.41 21.40
N VAL A 18 2.06 -8.16 21.00
CA VAL A 18 2.38 -7.90 19.59
C VAL A 18 3.59 -8.71 19.18
N LYS A 19 4.63 -8.73 20.01
CA LYS A 19 5.82 -9.50 19.69
C LYS A 19 5.47 -10.97 19.51
N GLU A 20 4.64 -11.51 20.39
CA GLU A 20 4.23 -12.90 20.28
C GLU A 20 3.48 -13.16 18.98
N PHE A 21 2.57 -12.26 18.62
CA PHE A 21 1.87 -12.37 17.35
C PHE A 21 2.83 -12.35 16.17
N LEU A 22 3.77 -11.40 16.17
CA LEU A 22 4.63 -11.25 15.01
C LEU A 22 5.55 -12.45 14.86
N ALA A 23 5.98 -13.04 15.98
CA ALA A 23 6.83 -14.22 15.88
C ALA A 23 6.08 -15.37 15.22
N LYS A 24 4.81 -15.57 15.58
N LYS A 24 4.81 -15.58 15.60
CA LYS A 24 4.03 -16.62 14.95
CA LYS A 24 4.01 -16.61 14.95
C LYS A 24 3.74 -16.28 13.49
C LYS A 24 3.76 -16.28 13.49
N ALA A 25 3.52 -14.99 13.19
CA ALA A 25 3.25 -14.60 11.81
C ALA A 25 4.48 -14.82 10.93
N LYS A 26 5.68 -14.64 11.49
CA LYS A 26 6.87 -14.87 10.69
C LYS A 26 7.03 -16.35 10.37
N GLU A 27 6.69 -17.22 11.32
N GLU A 27 6.71 -17.23 11.33
CA GLU A 27 6.76 -18.65 11.08
CA GLU A 27 6.76 -18.66 11.07
C GLU A 27 5.82 -19.06 9.95
C GLU A 27 5.83 -19.05 9.93
N GLU A 28 4.59 -18.53 9.96
CA GLU A 28 3.64 -18.85 8.90
C GLU A 28 4.08 -18.31 7.55
N PHE A 29 4.57 -17.07 7.53
CA PHE A 29 5.03 -16.46 6.28
C PHE A 29 6.15 -17.26 5.65
N LEU A 30 7.14 -17.65 6.46
CA LEU A 30 8.33 -18.32 5.92
C LEU A 30 7.97 -19.65 5.28
N LYS A 31 6.99 -20.38 5.83
CA LYS A 31 6.58 -21.63 5.20
C LYS A 31 6.08 -21.40 3.78
N LYS A 32 5.25 -20.38 3.59
CA LYS A 32 4.73 -20.07 2.26
C LYS A 32 5.79 -19.40 1.37
N TRP A 33 6.71 -18.64 1.96
CA TRP A 33 7.73 -17.95 1.18
C TRP A 33 8.73 -18.93 0.58
N GLU A 34 9.04 -19.99 1.32
CA GLU A 34 9.96 -21.02 0.86
C GLU A 34 9.28 -22.06 -0.03
N SER A 35 7.95 -22.05 -0.12
CA SER A 35 7.20 -23.04 -0.91
C SER A 35 6.06 -22.37 -1.65
N PRO A 36 6.36 -21.54 -2.64
CA PRO A 36 5.31 -20.78 -3.32
C PRO A 36 4.45 -21.67 -4.21
N SER A 37 3.30 -21.13 -4.58
CA SER A 37 2.34 -21.80 -5.47
C SER A 37 2.35 -21.10 -6.83
N GLN A 38 2.04 -21.87 -7.87
CA GLN A 38 2.05 -21.35 -9.23
C GLN A 38 1.06 -22.14 -10.07
N ASN A 39 0.56 -21.49 -11.13
CA ASN A 39 -0.28 -22.13 -12.14
C ASN A 39 -1.54 -22.75 -11.55
N THR A 40 -2.21 -21.98 -10.69
CA THR A 40 -3.39 -22.46 -9.99
C THR A 40 -4.70 -22.19 -10.75
N ALA A 41 -4.63 -21.66 -11.97
CA ALA A 41 -5.82 -21.53 -12.83
C ALA A 41 -5.37 -21.29 -14.26
N GLN A 42 -6.33 -20.99 -15.15
CA GLN A 42 -6.01 -20.59 -16.51
C GLN A 42 -7.08 -19.60 -17.00
N LEU A 43 -6.76 -18.91 -18.10
CA LEU A 43 -7.54 -17.75 -18.52
C LEU A 43 -8.99 -18.10 -18.81
N ASP A 44 -9.23 -19.22 -19.49
CA ASP A 44 -10.60 -19.55 -19.91
C ASP A 44 -11.49 -19.99 -18.75
N HIS A 45 -10.98 -19.98 -17.51
CA HIS A 45 -11.80 -20.23 -16.34
C HIS A 45 -12.60 -19.02 -15.90
N PHE A 46 -12.39 -17.86 -16.52
CA PHE A 46 -12.98 -16.61 -16.07
C PHE A 46 -13.65 -15.89 -17.22
N ASP A 47 -14.79 -15.26 -16.94
CA ASP A 47 -15.38 -14.29 -17.83
C ASP A 47 -14.89 -12.91 -17.44
N ARG A 48 -14.39 -12.15 -18.42
CA ARG A 48 -13.87 -10.83 -18.15
C ARG A 48 -14.98 -9.80 -18.32
N ILE A 49 -15.14 -8.95 -17.31
CA ILE A 49 -16.33 -8.11 -17.18
C ILE A 49 -16.03 -6.64 -17.49
N LYS A 50 -15.09 -6.05 -16.76
CA LYS A 50 -14.90 -4.60 -16.88
C LYS A 50 -13.50 -4.28 -16.36
N THR A 51 -12.87 -3.28 -16.98
CA THR A 51 -11.61 -2.79 -16.46
C THR A 51 -11.84 -1.89 -15.26
N LEU A 52 -11.13 -2.18 -14.16
CA LEU A 52 -11.25 -1.43 -12.91
C LEU A 52 -10.12 -0.42 -12.72
N GLY A 53 -9.02 -0.57 -13.43
CA GLY A 53 -7.89 0.34 -13.30
C GLY A 53 -6.85 -0.06 -14.32
N THR A 54 -5.96 0.89 -14.61
CA THR A 54 -4.92 0.67 -15.61
C THR A 54 -3.58 1.17 -15.09
N GLY A 55 -2.51 0.55 -15.58
CA GLY A 55 -1.16 0.96 -15.28
C GLY A 55 -0.28 0.89 -16.50
N SER A 56 1.04 1.00 -16.31
CA SER A 56 1.93 1.02 -17.46
C SER A 56 2.05 -0.36 -18.11
N PHE A 57 1.85 -1.44 -17.35
CA PHE A 57 2.09 -2.79 -17.84
C PHE A 57 0.82 -3.52 -18.22
N GLY A 58 -0.35 -2.97 -17.93
CA GLY A 58 -1.59 -3.68 -18.18
C GLY A 58 -2.77 -3.07 -17.46
N ARG A 59 -3.63 -3.91 -16.92
CA ARG A 59 -4.87 -3.44 -16.31
C ARG A 59 -5.29 -4.41 -15.22
N VAL A 60 -6.22 -3.95 -14.38
CA VAL A 60 -6.93 -4.83 -13.46
C VAL A 60 -8.37 -4.88 -13.92
N MET A 61 -8.91 -6.09 -14.02
CA MET A 61 -10.25 -6.29 -14.51
C MET A 61 -11.09 -7.02 -13.47
N LEU A 62 -12.36 -6.67 -13.38
CA LEU A 62 -13.30 -7.54 -12.72
C LEU A 62 -13.52 -8.77 -13.61
N VAL A 63 -13.38 -9.95 -13.02
CA VAL A 63 -13.65 -11.20 -13.71
C VAL A 63 -14.60 -12.03 -12.87
N LYS A 64 -15.25 -12.99 -13.53
CA LYS A 64 -16.17 -13.89 -12.86
C LYS A 64 -15.71 -15.31 -13.14
N HIS A 65 -15.45 -16.06 -12.08
CA HIS A 65 -15.08 -17.47 -12.21
C HIS A 65 -16.27 -18.24 -12.77
N LYS A 66 -16.06 -18.93 -13.89
CA LYS A 66 -17.18 -19.54 -14.60
C LYS A 66 -17.84 -20.63 -13.77
N GLU A 67 -17.04 -21.49 -13.14
CA GLU A 67 -17.61 -22.64 -12.43
C GLU A 67 -18.29 -22.22 -11.13
N THR A 68 -17.63 -21.39 -10.34
CA THR A 68 -18.12 -21.05 -9.01
C THR A 68 -18.99 -19.80 -9.00
N GLY A 69 -18.86 -18.93 -10.00
CA GLY A 69 -19.59 -17.68 -10.02
C GLY A 69 -19.01 -16.58 -9.16
N ASN A 70 -17.94 -16.85 -8.43
CA ASN A 70 -17.32 -15.84 -7.59
C ASN A 70 -16.68 -14.75 -8.47
N HIS A 71 -16.70 -13.53 -7.97
CA HIS A 71 -16.04 -12.45 -8.66
C HIS A 71 -14.65 -12.24 -8.10
N TYR A 72 -13.74 -11.79 -8.96
CA TYR A 72 -12.36 -11.54 -8.56
C TYR A 72 -11.83 -10.35 -9.33
N ALA A 73 -10.74 -9.78 -8.82
CA ALA A 73 -9.98 -8.77 -9.55
C ALA A 73 -8.77 -9.46 -10.16
N MET A 74 -8.61 -9.34 -11.48
CA MET A 74 -7.51 -9.97 -12.19
C MET A 74 -6.57 -8.90 -12.70
N LYS A 75 -5.34 -8.92 -12.19
CA LYS A 75 -4.29 -8.05 -12.70
C LYS A 75 -3.61 -8.75 -13.87
N ILE A 76 -3.52 -8.07 -15.01
CA ILE A 76 -2.93 -8.62 -16.23
C ILE A 76 -1.71 -7.79 -16.57
N LEU A 77 -0.57 -8.44 -16.71
CA LEU A 77 0.67 -7.77 -17.11
C LEU A 77 1.11 -8.31 -18.46
N ASP A 78 1.33 -7.39 -19.40
CA ASP A 78 1.85 -7.73 -20.72
C ASP A 78 3.34 -7.99 -20.57
N LYS A 79 3.77 -9.24 -20.78
CA LYS A 79 5.17 -9.59 -20.58
C LYS A 79 6.09 -8.69 -21.40
N GLN A 80 5.67 -8.33 -22.61
CA GLN A 80 6.43 -7.50 -23.52
C GLN A 80 6.39 -6.01 -23.17
N LYS A 81 5.63 -5.61 -22.15
CA LYS A 81 5.75 -4.28 -21.59
C LYS A 81 6.60 -4.27 -20.33
N VAL A 82 6.76 -5.43 -19.69
CA VAL A 82 7.61 -5.56 -18.49
C VAL A 82 9.01 -5.82 -19.02
N VAL A 83 9.66 -4.75 -19.48
CA VAL A 83 10.87 -4.88 -20.30
C VAL A 83 12.14 -4.59 -19.51
N LYS A 84 12.11 -3.58 -18.63
CA LYS A 84 13.31 -3.17 -17.91
C LYS A 84 13.64 -4.17 -16.81
N LEU A 85 14.93 -4.27 -16.49
CA LEU A 85 15.41 -5.24 -15.51
C LEU A 85 14.63 -5.14 -14.18
N LYS A 86 14.50 -3.92 -13.64
N LYS A 86 14.51 -3.93 -13.65
CA LYS A 86 13.82 -3.79 -12.36
CA LYS A 86 13.82 -3.78 -12.37
C LYS A 86 12.31 -4.00 -12.49
C LYS A 86 12.33 -4.03 -12.49
N GLN A 87 11.74 -3.75 -13.66
CA GLN A 87 10.32 -4.08 -13.87
C GLN A 87 10.09 -5.60 -13.75
N ILE A 88 11.00 -6.40 -14.31
CA ILE A 88 10.89 -7.86 -14.24
C ILE A 88 11.04 -8.37 -12.79
N GLU A 89 12.11 -7.94 -12.11
CA GLU A 89 12.38 -8.39 -10.74
C GLU A 89 11.22 -8.01 -9.82
N HIS A 90 10.68 -6.81 -10.02
CA HIS A 90 9.56 -6.34 -9.20
C HIS A 90 8.31 -7.19 -9.38
N THR A 91 8.06 -7.68 -10.62
N THR A 91 8.07 -7.69 -10.60
CA THR A 91 6.89 -8.53 -10.83
CA THR A 91 6.91 -8.53 -10.85
C THR A 91 7.03 -9.85 -10.08
C THR A 91 7.03 -9.86 -10.13
N LEU A 92 8.25 -10.42 -10.08
CA LEU A 92 8.46 -11.65 -9.32
C LEU A 92 8.33 -11.41 -7.82
N ASN A 93 8.86 -10.29 -7.31
CA ASN A 93 8.62 -9.90 -5.92
C ASN A 93 7.13 -9.88 -5.61
N GLU A 94 6.36 -9.20 -6.45
CA GLU A 94 4.94 -8.98 -6.18
C GLU A 94 4.21 -10.29 -5.98
N LYS A 95 4.36 -11.23 -6.94
CA LYS A 95 3.65 -12.49 -6.85
C LYS A 95 4.11 -13.32 -5.65
N ARG A 96 5.42 -13.38 -5.43
CA ARG A 96 5.92 -14.22 -4.36
C ARG A 96 5.51 -13.69 -2.98
N ILE A 97 5.51 -12.36 -2.81
CA ILE A 97 5.08 -11.79 -1.54
C ILE A 97 3.58 -11.98 -1.35
N LEU A 98 2.79 -11.69 -2.38
CA LEU A 98 1.33 -11.77 -2.23
C LEU A 98 0.89 -13.18 -1.87
N GLN A 99 1.53 -14.19 -2.45
CA GLN A 99 1.13 -15.55 -2.12
C GLN A 99 1.52 -15.95 -0.69
N ALA A 100 2.46 -15.25 -0.05
CA ALA A 100 2.95 -15.67 1.25
C ALA A 100 2.37 -14.89 2.44
N VAL A 101 1.86 -13.68 2.24
CA VAL A 101 1.40 -12.86 3.36
C VAL A 101 -0.01 -13.26 3.77
N ASN A 102 -0.40 -12.84 4.96
CA ASN A 102 -1.75 -13.05 5.48
C ASN A 102 -1.99 -12.01 6.55
N PHE A 103 -2.89 -11.06 6.29
CA PHE A 103 -3.18 -10.01 7.25
C PHE A 103 -4.53 -9.41 6.87
N PRO A 104 -5.31 -8.91 7.84
CA PRO A 104 -6.69 -8.53 7.51
C PRO A 104 -6.80 -7.37 6.55
N PHE A 105 -5.75 -6.56 6.39
CA PHE A 105 -5.80 -5.39 5.54
C PHE A 105 -4.95 -5.56 4.29
N LEU A 106 -4.57 -6.78 3.95
CA LEU A 106 -3.81 -7.06 2.73
C LEU A 106 -4.69 -7.91 1.83
N VAL A 107 -4.76 -7.52 0.55
CA VAL A 107 -5.61 -8.26 -0.37
C VAL A 107 -5.14 -9.70 -0.50
N LYS A 108 -6.09 -10.61 -0.66
CA LYS A 108 -5.79 -12.04 -0.71
C LYS A 108 -5.71 -12.51 -2.15
N LEU A 109 -4.56 -13.07 -2.51
CA LEU A 109 -4.37 -13.67 -3.83
C LEU A 109 -5.00 -15.05 -3.85
N GLU A 110 -5.73 -15.34 -4.93
CA GLU A 110 -6.40 -16.62 -5.11
C GLU A 110 -5.72 -17.50 -6.14
N PHE A 111 -5.33 -16.94 -7.29
CA PHE A 111 -4.70 -17.72 -8.34
C PHE A 111 -3.63 -16.88 -9.01
N SER A 112 -2.67 -17.55 -9.62
CA SER A 112 -1.73 -16.89 -10.51
C SER A 112 -1.35 -17.88 -11.61
N PHE A 113 -1.07 -17.34 -12.79
CA PHE A 113 -0.72 -18.15 -13.95
C PHE A 113 -0.17 -17.21 -15.03
N LYS A 114 0.33 -17.82 -16.11
CA LYS A 114 0.90 -17.06 -17.21
C LYS A 114 0.60 -17.80 -18.50
N ASP A 115 0.66 -17.07 -19.61
CA ASP A 115 0.50 -17.66 -20.93
C ASP A 115 1.61 -17.13 -21.84
N ASN A 116 1.43 -17.27 -23.15
CA ASN A 116 2.45 -16.83 -24.09
C ASN A 116 2.70 -15.33 -24.00
N SER A 117 1.68 -14.54 -23.68
CA SER A 117 1.79 -13.09 -23.74
C SER A 117 1.77 -12.40 -22.38
N ASN A 118 1.05 -12.93 -21.40
CA ASN A 118 0.72 -12.17 -20.20
C ASN A 118 1.04 -12.95 -18.93
N LEU A 119 1.18 -12.19 -17.84
CA LEU A 119 1.14 -12.72 -16.48
C LEU A 119 -0.19 -12.32 -15.86
N TYR A 120 -0.73 -13.19 -15.01
CA TYR A 120 -2.03 -12.97 -14.38
C TYR A 120 -1.96 -13.23 -12.88
N MET A 121 -2.56 -12.33 -12.10
CA MET A 121 -2.74 -12.53 -10.66
C MET A 121 -4.20 -12.26 -10.36
N VAL A 122 -4.88 -13.22 -9.76
CA VAL A 122 -6.30 -13.15 -9.50
C VAL A 122 -6.49 -13.03 -8.00
N MET A 123 -7.07 -11.93 -7.55
N MET A 123 -7.04 -11.90 -7.56
CA MET A 123 -7.21 -11.61 -6.13
CA MET A 123 -7.18 -11.50 -6.16
C MET A 123 -8.67 -11.36 -5.79
C MET A 123 -8.66 -11.37 -5.80
N GLU A 124 -8.92 -11.33 -4.49
CA GLU A 124 -10.25 -10.97 -4.01
C GLU A 124 -10.67 -9.62 -4.57
N TYR A 125 -11.92 -9.55 -5.02
CA TYR A 125 -12.49 -8.30 -5.50
C TYR A 125 -12.99 -7.48 -4.31
N VAL A 126 -12.55 -6.22 -4.25
CA VAL A 126 -12.91 -5.31 -3.16
C VAL A 126 -13.80 -4.23 -3.76
N PRO A 127 -15.12 -4.31 -3.58
CA PRO A 127 -16.02 -3.53 -4.44
C PRO A 127 -16.23 -2.09 -4.01
N GLY A 128 -15.70 -1.67 -2.85
CA GLY A 128 -15.98 -0.33 -2.40
C GLY A 128 -15.22 0.76 -3.09
N GLY A 129 -14.25 0.41 -3.95
CA GLY A 129 -13.50 1.39 -4.70
C GLY A 129 -12.22 1.82 -4.02
N GLU A 130 -11.45 2.66 -4.73
CA GLU A 130 -10.20 3.18 -4.21
C GLU A 130 -10.44 4.32 -3.22
N MET A 131 -9.63 4.35 -2.14
CA MET A 131 -9.64 5.52 -1.28
C MET A 131 -9.47 6.79 -2.11
N PHE A 132 -8.63 6.72 -3.14
CA PHE A 132 -8.35 7.88 -3.98
C PHE A 132 -9.61 8.58 -4.47
N SER A 133 -10.56 7.83 -5.02
N SER A 133 -10.54 7.80 -5.05
CA SER A 133 -11.70 8.53 -5.60
CA SER A 133 -11.77 8.38 -5.60
C SER A 133 -12.66 9.05 -4.53
C SER A 133 -12.57 9.06 -4.50
N HIS A 134 -12.82 8.33 -3.41
CA HIS A 134 -13.61 8.87 -2.31
C HIS A 134 -12.98 10.15 -1.76
N LEU A 135 -11.66 10.16 -1.60
CA LEU A 135 -10.98 11.36 -1.11
C LEU A 135 -11.13 12.54 -2.06
N ARG A 136 -10.90 12.30 -3.36
CA ARG A 136 -11.05 13.41 -4.32
C ARG A 136 -12.48 13.92 -4.37
N ARG A 137 -13.47 13.03 -4.19
CA ARG A 137 -14.87 13.44 -4.29
C ARG A 137 -15.27 14.30 -3.10
N ILE A 138 -14.84 13.91 -1.89
CA ILE A 138 -15.25 14.64 -0.69
C ILE A 138 -14.32 15.80 -0.38
N GLY A 139 -13.09 15.79 -0.91
CA GLY A 139 -12.13 16.84 -0.63
C GLY A 139 -11.08 16.38 0.37
N ARG A 140 -11.47 16.26 1.65
CA ARG A 140 -10.54 15.76 2.65
C ARG A 140 -11.35 14.99 3.68
N PHE A 141 -10.66 14.15 4.44
CA PHE A 141 -11.29 13.41 5.54
C PHE A 141 -11.04 14.16 6.84
N GLU A 143 -10.12 14.48 10.84
CA GLU A 143 -9.03 13.77 11.51
C GLU A 143 -9.41 12.38 12.05
N PRO A 144 -10.57 12.22 12.70
CA PRO A 144 -10.92 10.86 13.15
C PRO A 144 -11.05 9.85 12.01
N HIS A 145 -11.55 10.31 10.86
CA HIS A 145 -11.70 9.44 9.69
C HIS A 145 -10.33 9.07 9.11
N ALA A 146 -9.46 10.07 8.96
CA ALA A 146 -8.09 9.80 8.51
C ALA A 146 -7.37 8.88 9.49
N ARG A 147 -7.62 9.06 10.79
N ARG A 147 -7.61 9.07 10.79
CA ARG A 147 -6.91 8.27 11.79
CA ARG A 147 -6.94 8.29 11.82
C ARG A 147 -7.32 6.81 11.75
C ARG A 147 -7.32 6.82 11.72
N PHE A 148 -8.60 6.54 11.47
CA PHE A 148 -9.06 5.17 11.34
C PHE A 148 -8.31 4.45 10.21
N TYR A 149 -8.15 5.09 9.05
CA TYR A 149 -7.39 4.48 7.95
C TYR A 149 -5.92 4.39 8.31
N ALA A 150 -5.37 5.46 8.88
CA ALA A 150 -3.94 5.47 9.21
C ALA A 150 -3.59 4.34 10.15
N ALA A 151 -4.46 4.05 11.15
CA ALA A 151 -4.15 2.98 12.10
C ALA A 151 -4.03 1.65 11.39
N GLN A 152 -4.85 1.42 10.37
CA GLN A 152 -4.75 0.18 9.63
C GLN A 152 -3.43 0.09 8.88
N ILE A 153 -2.97 1.21 8.34
CA ILE A 153 -1.69 1.21 7.65
C ILE A 153 -0.55 0.97 8.64
N VAL A 154 -0.60 1.58 9.83
CA VAL A 154 0.45 1.37 10.82
C VAL A 154 0.55 -0.11 11.17
N LEU A 155 -0.60 -0.76 11.42
CA LEU A 155 -0.56 -2.19 11.75
C LEU A 155 -0.06 -3.01 10.57
N THR A 156 -0.45 -2.65 9.35
CA THR A 156 -0.02 -3.41 8.18
C THR A 156 1.47 -3.29 7.97
N PHE A 157 2.02 -2.09 8.15
CA PHE A 157 3.47 -1.90 8.03
C PHE A 157 4.20 -2.59 9.17
N GLU A 158 3.65 -2.57 10.39
CA GLU A 158 4.31 -3.30 11.47
C GLU A 158 4.41 -4.77 11.11
N TYR A 159 3.33 -5.33 10.56
CA TYR A 159 3.36 -6.71 10.09
C TYR A 159 4.40 -6.91 8.98
N LEU A 160 4.30 -6.12 7.89
CA LEU A 160 5.20 -6.34 6.76
C LEU A 160 6.65 -6.19 7.19
N HIS A 161 6.97 -5.13 7.94
CA HIS A 161 8.38 -4.88 8.29
C HIS A 161 8.93 -5.97 9.18
N SER A 162 8.09 -6.58 10.03
CA SER A 162 8.55 -7.68 10.88
C SER A 162 8.96 -8.89 10.02
N LEU A 163 8.43 -9.00 8.80
CA LEU A 163 8.80 -10.04 7.86
C LEU A 163 9.93 -9.60 6.94
N ASP A 164 10.54 -8.45 7.21
CA ASP A 164 11.58 -7.86 6.37
C ASP A 164 11.05 -7.45 4.99
N LEU A 165 9.77 -7.10 4.91
CA LEU A 165 9.16 -6.63 3.67
C LEU A 165 8.97 -5.13 3.73
N ILE A 166 9.42 -4.44 2.69
CA ILE A 166 9.15 -3.02 2.51
C ILE A 166 8.08 -2.90 1.42
N TYR A 167 7.14 -1.97 1.60
CA TYR A 167 6.00 -1.87 0.68
C TYR A 167 6.28 -0.94 -0.51
N ARG A 168 6.74 0.27 -0.24
CA ARG A 168 7.34 1.18 -1.24
C ARG A 168 6.36 1.84 -2.20
N ASP A 169 5.05 1.66 -2.07
CA ASP A 169 4.15 2.39 -2.97
C ASP A 169 2.87 2.80 -2.25
N LEU A 170 2.97 3.25 -0.99
CA LEU A 170 1.77 3.70 -0.31
C LEU A 170 1.21 4.96 -0.99
N LYS A 171 -0.10 4.97 -1.24
CA LYS A 171 -0.82 6.13 -1.79
C LYS A 171 -2.29 5.76 -1.83
N PRO A 172 -3.21 6.74 -1.87
CA PRO A 172 -4.64 6.39 -1.88
C PRO A 172 -5.07 5.53 -3.06
N GLU A 173 -4.39 5.63 -4.19
CA GLU A 173 -4.72 4.82 -5.37
C GLU A 173 -4.58 3.33 -5.09
N ASN A 174 -3.80 2.95 -4.08
CA ASN A 174 -3.47 1.56 -3.81
C ASN A 174 -4.24 0.99 -2.63
N LEU A 175 -5.19 1.77 -2.09
CA LEU A 175 -5.92 1.39 -0.88
C LEU A 175 -7.39 1.26 -1.25
N LEU A 176 -7.93 0.05 -1.18
CA LEU A 176 -9.32 -0.17 -1.52
C LEU A 176 -10.15 -0.24 -0.24
N ILE A 177 -11.40 0.18 -0.34
N ILE A 177 -11.43 0.09 -0.36
CA ILE A 177 -12.31 0.13 0.79
CA ILE A 177 -12.35 0.16 0.79
C ILE A 177 -13.18 -1.12 0.63
C ILE A 177 -13.32 -1.02 0.71
N ASP A 178 -13.28 -1.91 1.70
CA ASP A 178 -14.07 -3.13 1.66
C ASP A 178 -15.52 -2.88 2.11
N GLN A 179 -16.31 -3.95 2.15
CA GLN A 179 -17.73 -3.80 2.45
C GLN A 179 -18.00 -3.34 3.88
N GLN A 180 -17.04 -3.51 4.79
CA GLN A 180 -17.17 -3.02 6.15
C GLN A 180 -16.50 -1.67 6.36
N GLY A 181 -15.98 -1.05 5.31
CA GLY A 181 -15.35 0.24 5.44
C GLY A 181 -13.89 0.19 5.83
N TYR A 182 -13.30 -1.00 5.88
CA TYR A 182 -11.89 -1.16 6.21
C TYR A 182 -11.05 -1.18 4.93
N ILE A 183 -9.75 -0.99 5.12
N ILE A 183 -9.73 -1.07 5.14
CA ILE A 183 -8.83 -0.89 3.99
CA ILE A 183 -8.75 -0.93 4.08
C ILE A 183 -8.29 -2.25 3.58
C ILE A 183 -8.31 -2.30 3.58
N GLN A 184 -8.09 -2.40 2.27
CA GLN A 184 -7.35 -3.50 1.67
C GLN A 184 -6.22 -2.90 0.85
N VAL A 185 -4.97 -3.16 1.26
CA VAL A 185 -3.82 -2.74 0.48
C VAL A 185 -3.69 -3.68 -0.69
N THR A 186 -3.65 -3.11 -1.88
CA THR A 186 -3.37 -3.88 -3.05
C THR A 186 -2.09 -3.34 -3.69
N ASP A 187 -1.76 -3.93 -4.82
CA ASP A 187 -0.64 -3.50 -5.63
C ASP A 187 0.68 -3.65 -4.89
N PHE A 188 1.19 -4.87 -4.90
CA PHE A 188 2.48 -5.17 -4.32
C PHE A 188 3.62 -5.08 -5.33
N GLY A 189 3.43 -4.30 -6.40
CA GLY A 189 4.40 -4.23 -7.49
C GLY A 189 5.76 -3.69 -7.08
N PHE A 190 5.87 -2.97 -5.97
N PHE A 190 5.82 -2.95 -5.97
CA PHE A 190 7.18 -2.50 -5.53
CA PHE A 190 7.03 -2.33 -5.46
C PHE A 190 7.63 -3.11 -4.23
C PHE A 190 7.50 -2.95 -4.14
N ALA A 191 6.84 -4.00 -3.65
CA ALA A 191 7.21 -4.60 -2.38
C ALA A 191 8.42 -5.50 -2.56
N LYS A 192 9.24 -5.59 -1.51
CA LYS A 192 10.47 -6.36 -1.61
C LYS A 192 10.91 -6.85 -0.24
N ARG A 193 11.46 -8.06 -0.21
CA ARG A 193 12.08 -8.56 1.01
C ARG A 193 13.51 -8.01 1.10
N VAL A 194 13.78 -7.26 2.17
CA VAL A 194 15.03 -6.51 2.33
C VAL A 194 15.50 -6.69 3.76
N LYS A 195 16.69 -7.25 3.96
CA LYS A 195 17.14 -7.46 5.33
C LYS A 195 17.89 -6.28 5.93
N GLY A 196 18.33 -5.34 5.13
CA GLY A 196 18.95 -4.11 5.58
C GLY A 196 18.62 -2.98 4.63
N ARG A 197 19.52 -2.68 3.68
CA ARG A 197 19.26 -1.61 2.72
C ARG A 197 18.93 -2.18 1.35
N THR A 198 18.32 -1.32 0.54
CA THR A 198 18.10 -1.60 -0.88
C THR A 198 18.33 -0.30 -1.65
N TRP A 199 18.47 -0.41 -2.97
CA TRP A 199 18.96 0.72 -3.76
C TRP A 199 18.12 1.13 -4.97
N LEU A 201 15.73 2.96 -7.41
CA LEU A 201 15.03 4.24 -7.42
C LEU A 201 13.62 4.00 -7.93
N CYS A 202 12.64 3.80 -7.04
CA CYS A 202 11.30 3.45 -7.47
C CYS A 202 10.28 4.01 -6.47
N GLY A 203 9.05 4.15 -6.95
CA GLY A 203 7.91 4.61 -6.18
C GLY A 203 7.15 5.69 -6.93
N THR A 204 6.32 6.40 -6.20
CA THR A 204 5.52 7.46 -6.80
C THR A 204 6.04 8.80 -6.32
N PRO A 205 6.31 9.74 -7.23
CA PRO A 205 7.03 10.99 -6.87
C PRO A 205 6.59 11.65 -5.56
N GLU A 206 5.29 11.94 -5.42
CA GLU A 206 4.81 12.66 -4.24
C GLU A 206 5.10 11.93 -2.93
N TYR A 207 5.27 10.60 -2.97
CA TYR A 207 5.39 9.76 -1.79
C TYR A 207 6.84 9.31 -1.53
N LEU A 208 7.79 9.72 -2.37
CA LEU A 208 9.18 9.28 -2.19
C LEU A 208 9.86 9.96 -1.02
N ALA A 209 10.55 9.14 -0.21
CA ALA A 209 11.36 9.70 0.86
C ALA A 209 12.61 10.37 0.27
N PRO A 210 13.16 11.36 0.98
CA PRO A 210 14.34 12.06 0.43
C PRO A 210 15.49 11.14 0.11
N GLU A 211 15.71 10.10 0.94
CA GLU A 211 16.86 9.24 0.69
C GLU A 211 16.71 8.44 -0.60
N ILE A 212 15.48 8.18 -1.07
CA ILE A 212 15.31 7.55 -2.38
C ILE A 212 15.74 8.53 -3.47
N ILE A 213 15.23 9.75 -3.40
CA ILE A 213 15.53 10.79 -4.40
C ILE A 213 17.03 11.05 -4.47
N LEU A 214 17.71 11.00 -3.33
CA LEU A 214 19.14 11.28 -3.26
C LEU A 214 20.00 10.07 -3.60
N SER A 215 19.41 8.97 -4.10
CA SER A 215 20.19 7.81 -4.54
C SER A 215 21.01 7.21 -3.40
N LYS A 216 20.46 7.23 -2.20
CA LYS A 216 21.08 6.59 -1.05
C LYS A 216 20.48 5.20 -0.89
N GLY A 217 21.28 4.27 -0.39
CA GLY A 217 20.75 3.00 0.06
C GLY A 217 19.77 3.27 1.19
N TYR A 218 18.60 2.66 1.16
CA TYR A 218 17.55 3.05 2.09
C TYR A 218 16.91 1.79 2.67
N ASN A 219 16.09 1.98 3.68
CA ASN A 219 15.49 0.87 4.41
C ASN A 219 13.99 1.08 4.58
N LYS A 220 13.41 0.30 5.51
CA LYS A 220 11.96 0.33 5.71
C LYS A 220 11.44 1.69 6.18
N ALA A 221 12.34 2.58 6.65
CA ALA A 221 11.91 3.90 7.06
C ALA A 221 11.26 4.69 5.92
N VAL A 222 11.50 4.30 4.65
CA VAL A 222 10.80 5.01 3.57
C VAL A 222 9.30 4.81 3.67
N ASP A 223 8.85 3.67 4.20
CA ASP A 223 7.41 3.44 4.35
C ASP A 223 6.83 4.36 5.42
N TRP A 224 7.61 4.68 6.46
CA TRP A 224 7.09 5.58 7.49
C TRP A 224 7.02 7.02 6.99
N TRP A 225 8.00 7.45 6.19
CA TRP A 225 7.86 8.73 5.50
C TRP A 225 6.59 8.76 4.65
N ALA A 226 6.37 7.70 3.87
CA ALA A 226 5.19 7.63 3.02
C ALA A 226 3.91 7.68 3.83
N LEU A 227 3.90 7.08 5.03
CA LEU A 227 2.72 7.19 5.89
C LEU A 227 2.46 8.64 6.26
N GLY A 228 3.52 9.41 6.53
CA GLY A 228 3.35 10.84 6.77
C GLY A 228 2.70 11.55 5.59
N VAL A 229 3.14 11.23 4.36
CA VAL A 229 2.54 11.84 3.18
C VAL A 229 1.07 11.46 3.09
N LEU A 230 0.75 10.17 3.33
CA LEU A 230 -0.63 9.69 3.22
C LEU A 230 -1.54 10.36 4.23
N ILE A 231 -1.09 10.44 5.50
CA ILE A 231 -1.93 11.07 6.53
C ILE A 231 -2.17 12.53 6.18
N TYR A 232 -1.09 13.23 5.77
CA TYR A 232 -1.25 14.62 5.34
C TYR A 232 -2.27 14.72 4.21
N GLU A 233 -2.15 13.89 3.17
CA GLU A 233 -3.07 13.99 2.04
C GLU A 233 -4.50 13.66 2.46
N MET A 234 -4.68 12.63 3.30
CA MET A 234 -6.04 12.31 3.74
C MET A 234 -6.66 13.48 4.50
N ALA A 235 -5.88 14.14 5.35
CA ALA A 235 -6.43 15.19 6.20
C ALA A 235 -6.49 16.55 5.52
N ALA A 236 -5.65 16.79 4.52
CA ALA A 236 -5.63 18.08 3.82
C ALA A 236 -6.40 18.04 2.50
N GLY A 237 -6.42 16.89 1.84
CA GLY A 237 -6.96 16.76 0.50
C GLY A 237 -5.93 16.84 -0.60
N TYR A 238 -4.69 17.15 -0.26
CA TYR A 238 -3.59 17.23 -1.21
C TYR A 238 -2.33 16.87 -0.43
N PRO A 239 -1.30 16.37 -1.10
CA PRO A 239 -0.10 15.93 -0.38
C PRO A 239 0.82 17.09 -0.07
N PRO A 240 1.81 16.88 0.80
CA PRO A 240 2.62 17.99 1.32
C PRO A 240 3.62 18.55 0.31
N PHE A 241 4.03 17.77 -0.68
CA PHE A 241 5.02 18.17 -1.67
C PHE A 241 4.29 18.06 -3.01
N PHE A 242 3.84 19.18 -3.53
CA PHE A 242 2.75 19.24 -4.49
C PHE A 242 3.22 20.18 -5.59
N ALA A 243 3.42 19.65 -6.78
CA ALA A 243 3.86 20.45 -7.93
C ALA A 243 3.54 19.68 -9.20
N ASP A 244 3.52 20.40 -10.32
CA ASP A 244 3.04 19.80 -11.56
C ASP A 244 4.00 18.75 -12.13
N GLN A 245 5.30 18.91 -11.94
CA GLN A 245 6.27 18.01 -12.56
C GLN A 245 7.09 17.28 -11.52
N PRO A 246 7.44 16.01 -11.77
CA PRO A 246 8.27 15.27 -10.79
C PRO A 246 9.52 15.99 -10.31
N ILE A 247 10.27 16.67 -11.19
CA ILE A 247 11.51 17.30 -10.72
C ILE A 247 11.22 18.36 -9.66
N GLN A 248 10.12 19.11 -9.82
CA GLN A 248 9.74 20.11 -8.81
C GLN A 248 9.30 19.45 -7.51
N ILE A 249 8.60 18.31 -7.60
CA ILE A 249 8.21 17.57 -6.41
C ILE A 249 9.46 17.15 -5.64
N TYR A 250 10.47 16.61 -6.35
CA TYR A 250 11.68 16.12 -5.71
C TYR A 250 12.42 17.23 -4.97
N GLU A 251 12.48 18.43 -5.57
CA GLU A 251 13.17 19.54 -4.90
C GLU A 251 12.46 19.92 -3.61
N LYS A 252 11.13 19.88 -3.59
CA LYS A 252 10.41 20.19 -2.35
C LYS A 252 10.64 19.13 -1.28
N ILE A 253 10.66 17.86 -1.66
CA ILE A 253 10.85 16.77 -0.69
C ILE A 253 12.18 16.90 0.02
N VAL A 254 13.24 17.15 -0.75
N VAL A 254 13.27 17.13 -0.74
CA VAL A 254 14.56 17.12 -0.13
CA VAL A 254 14.58 17.15 -0.12
C VAL A 254 14.85 18.42 0.62
C VAL A 254 14.83 18.41 0.70
N SER A 255 14.38 19.55 0.10
N SER A 255 13.89 19.37 0.69
CA SER A 255 14.80 20.85 0.61
CA SER A 255 14.14 20.67 1.34
C SER A 255 13.66 21.74 1.10
C SER A 255 14.16 20.59 2.86
N GLY A 256 12.44 21.24 1.16
N GLY A 256 13.43 19.64 3.45
CA GLY A 256 11.28 22.07 1.46
CA GLY A 256 13.29 19.64 4.89
C GLY A 256 10.81 21.90 2.90
C GLY A 256 12.22 20.58 5.41
N LYS A 257 10.42 23.02 3.52
N LYS A 257 11.33 21.07 4.54
CA LYS A 257 9.81 22.95 4.83
CA LYS A 257 10.29 22.02 4.93
C LYS A 257 8.33 22.67 4.67
C LYS A 257 8.91 21.49 4.53
N VAL A 258 7.86 21.57 5.26
N VAL A 258 7.95 21.66 5.44
CA VAL A 258 6.44 21.24 5.19
CA VAL A 258 6.54 21.34 5.19
C VAL A 258 5.61 22.33 5.85
C VAL A 258 5.68 22.43 5.83
N ARG A 259 4.59 22.79 5.14
CA ARG A 259 3.59 23.71 5.67
C ARG A 259 2.30 22.94 5.84
N PHE A 260 1.50 23.31 6.83
CA PHE A 260 0.29 22.59 7.17
C PHE A 260 -0.93 23.49 7.05
N PRO A 261 -2.09 22.93 6.66
CA PRO A 261 -3.33 23.71 6.71
C PRO A 261 -3.61 24.21 8.12
N SER A 262 -4.25 25.39 8.20
CA SER A 262 -4.57 25.96 9.50
C SER A 262 -5.55 25.11 10.28
N HIS A 263 -6.28 24.19 9.63
CA HIS A 263 -7.22 23.36 10.36
C HIS A 263 -6.60 22.10 10.94
N PHE A 264 -5.32 21.78 10.64
CA PHE A 264 -4.68 20.62 11.26
C PHE A 264 -4.52 20.86 12.76
N SER A 265 -4.87 19.87 13.57
CA SER A 265 -4.62 19.95 15.00
C SER A 265 -3.11 19.94 15.27
N SER A 266 -2.73 20.49 16.41
N SER A 266 -2.73 20.48 16.42
CA SER A 266 -1.31 20.47 16.77
CA SER A 266 -1.32 20.48 16.81
C SER A 266 -0.79 19.06 16.97
C SER A 266 -0.79 19.07 17.01
N ASP A 267 -1.63 18.16 17.51
CA ASP A 267 -1.21 16.76 17.63
C ASP A 267 -0.89 16.17 16.26
N LEU A 268 -1.72 16.45 15.26
CA LEU A 268 -1.45 15.95 13.92
C LEU A 268 -0.17 16.53 13.36
N LYS A 269 0.02 17.85 13.50
CA LYS A 269 1.24 18.46 12.97
C LYS A 269 2.47 17.86 13.64
N ASP A 270 2.41 17.60 14.96
CA ASP A 270 3.55 17.00 15.63
C ASP A 270 3.87 15.61 15.07
N LEU A 271 2.84 14.76 14.93
CA LEU A 271 3.09 13.46 14.32
C LEU A 271 3.72 13.60 12.95
N LEU A 272 3.17 14.50 12.12
CA LEU A 272 3.64 14.62 10.74
C LEU A 272 5.07 15.16 10.67
N ARG A 273 5.44 16.08 11.56
N ARG A 273 5.44 16.08 11.57
CA ARG A 273 6.83 16.54 11.56
CA ARG A 273 6.82 16.57 11.58
C ARG A 273 7.79 15.39 11.86
C ARG A 273 7.81 15.48 11.99
N ASN A 274 7.35 14.45 12.70
CA ASN A 274 8.21 13.34 13.08
C ASN A 274 8.22 12.21 12.06
N LEU A 275 7.21 12.11 11.20
CA LEU A 275 7.25 11.14 10.09
C LEU A 275 7.94 11.74 8.87
N LEU A 276 7.62 12.99 8.54
CA LEU A 276 8.21 13.69 7.40
C LEU A 276 9.53 14.33 7.82
N GLN A 277 10.38 13.51 8.42
CA GLN A 277 11.65 13.92 8.99
C GLN A 277 12.77 13.44 8.05
N VAL A 278 13.51 14.41 7.50
N VAL A 278 13.52 14.41 7.52
CA VAL A 278 14.59 14.02 6.60
CA VAL A 278 14.60 14.09 6.60
C VAL A 278 15.67 13.24 7.35
C VAL A 278 15.75 13.37 7.29
N ASP A 279 15.96 13.64 8.58
CA ASP A 279 17.07 13.06 9.35
C ASP A 279 16.64 11.67 9.82
N LEU A 280 17.27 10.64 9.29
CA LEU A 280 16.88 9.27 9.63
C LEU A 280 17.14 8.93 11.10
N THR A 281 18.06 9.62 11.76
CA THR A 281 18.26 9.40 13.19
C THR A 281 17.12 9.97 14.02
N LYS A 282 16.19 10.70 13.40
CA LYS A 282 15.08 11.29 14.12
C LYS A 282 13.70 10.85 13.63
N ARG A 283 13.60 10.06 12.55
CA ARG A 283 12.30 9.77 11.97
C ARG A 283 11.55 8.70 12.77
N PHE A 284 10.31 9.00 13.13
CA PHE A 284 9.47 8.03 13.83
C PHE A 284 9.30 6.79 12.99
N GLY A 285 9.30 5.64 13.64
CA GLY A 285 9.36 4.36 12.99
C GLY A 285 10.77 3.84 12.83
N ASN A 286 11.77 4.71 12.94
CA ASN A 286 13.17 4.35 12.71
C ASN A 286 14.03 4.49 13.94
N LEU A 287 13.44 4.68 15.12
CA LEU A 287 14.17 4.93 16.35
C LEU A 287 14.20 3.65 17.19
N LYS A 288 14.85 3.73 18.35
CA LYS A 288 15.01 2.53 19.18
C LYS A 288 13.65 1.91 19.54
N ASN A 289 12.63 2.72 19.73
N ASN A 289 12.63 2.73 19.75
CA ASN A 289 11.31 2.21 20.11
CA ASN A 289 11.30 2.26 20.13
C ASN A 289 10.45 1.85 18.91
C ASN A 289 10.48 1.81 18.92
N GLY A 290 11.00 1.94 17.70
CA GLY A 290 10.33 1.38 16.53
C GLY A 290 8.93 1.94 16.29
N VAL A 291 8.00 1.03 15.96
CA VAL A 291 6.63 1.42 15.64
C VAL A 291 5.94 2.02 16.86
N ASN A 292 6.45 1.75 18.07
CA ASN A 292 5.74 2.22 19.24
C ASN A 292 5.76 3.73 19.38
N ASP A 293 6.76 4.41 18.81
CA ASP A 293 6.73 5.87 18.84
C ASP A 293 5.52 6.40 18.07
N ILE A 294 5.08 5.67 17.04
CA ILE A 294 3.90 6.07 16.29
C ILE A 294 2.64 5.65 17.05
N LYS A 295 2.57 4.39 17.47
CA LYS A 295 1.35 3.90 18.09
C LYS A 295 1.03 4.64 19.39
N ASN A 296 2.05 5.11 20.10
CA ASN A 296 1.86 5.79 21.37
C ASN A 296 1.80 7.30 21.24
N HIS A 297 1.80 7.82 20.02
CA HIS A 297 1.74 9.26 19.83
C HIS A 297 0.37 9.78 20.23
N LYS A 298 0.34 11.02 20.74
CA LYS A 298 -0.90 11.64 21.16
C LYS A 298 -1.99 11.64 20.10
N TRP A 299 -1.63 11.77 18.82
CA TRP A 299 -2.68 11.78 17.81
C TRP A 299 -3.43 10.46 17.76
N PHE A 300 -2.79 9.37 18.18
CA PHE A 300 -3.42 8.05 18.19
C PHE A 300 -3.95 7.66 19.57
N ALA A 301 -4.05 8.61 20.51
CA ALA A 301 -4.44 8.26 21.87
C ALA A 301 -5.80 7.59 21.96
N THR A 302 -6.73 7.93 21.05
CA THR A 302 -8.06 7.33 21.06
C THR A 302 -8.12 6.01 20.30
N THR A 303 -7.03 5.57 19.69
CA THR A 303 -7.04 4.38 18.86
C THR A 303 -6.87 3.12 19.72
N ASP A 304 -7.82 2.22 19.62
CA ASP A 304 -7.73 0.88 20.21
C ASP A 304 -7.12 -0.02 19.16
N TRP A 305 -5.80 -0.23 19.27
CA TRP A 305 -5.05 -0.95 18.23
C TRP A 305 -5.55 -2.36 18.05
N ILE A 306 -5.79 -3.08 19.16
CA ILE A 306 -6.29 -4.44 19.07
C ILE A 306 -7.66 -4.46 18.41
N ALA A 307 -8.52 -3.50 18.77
CA ALA A 307 -9.86 -3.46 18.21
C ALA A 307 -9.84 -3.16 16.71
N ILE A 308 -8.90 -2.31 16.27
CA ILE A 308 -8.75 -2.10 14.83
C ILE A 308 -8.36 -3.40 14.13
N TYR A 309 -7.35 -4.10 14.68
CA TYR A 309 -6.90 -5.36 14.10
C TYR A 309 -8.05 -6.35 14.04
N GLN A 310 -8.81 -6.46 15.13
CA GLN A 310 -9.93 -7.39 15.19
C GLN A 310 -11.13 -6.90 14.40
N ARG A 311 -11.04 -5.70 13.81
CA ARG A 311 -12.11 -5.12 13.01
C ARG A 311 -13.37 -4.86 13.85
N LYS A 312 -13.18 -4.52 15.12
CA LYS A 312 -14.28 -4.28 16.07
C LYS A 312 -14.78 -2.84 16.05
N VAL A 313 -14.08 -1.93 15.37
CA VAL A 313 -14.40 -0.52 15.39
C VAL A 313 -15.35 -0.20 14.25
N GLU A 314 -16.38 0.59 14.55
CA GLU A 314 -17.30 1.05 13.51
C GLU A 314 -16.57 1.98 12.55
N ALA A 315 -16.63 1.67 11.24
CA ALA A 315 -15.93 2.46 10.23
C ALA A 315 -16.66 3.78 9.99
N PRO A 316 -15.93 4.82 9.56
CA PRO A 316 -16.58 6.11 9.35
C PRO A 316 -17.41 6.17 8.08
N PHE A 317 -17.19 5.24 7.15
CA PHE A 317 -17.81 5.30 5.84
C PHE A 317 -17.99 3.88 5.33
N ILE A 318 -19.21 3.51 4.97
CA ILE A 318 -19.51 2.20 4.40
C ILE A 318 -19.89 2.41 2.94
N PRO A 319 -19.15 1.86 1.98
CA PRO A 319 -19.50 2.04 0.57
C PRO A 319 -20.85 1.40 0.24
N LYS A 320 -21.56 2.03 -0.70
CA LYS A 320 -22.81 1.45 -1.19
C LYS A 320 -22.50 0.27 -2.10
N PHE A 321 -23.14 -0.86 -1.85
CA PHE A 321 -22.91 -2.08 -2.61
C PHE A 321 -24.25 -2.54 -3.17
N LYS A 322 -24.33 -2.68 -4.49
CA LYS A 322 -25.56 -3.03 -5.17
C LYS A 322 -25.65 -4.51 -5.49
N GLY A 323 -24.76 -5.32 -4.93
CA GLY A 323 -24.75 -6.75 -5.17
C GLY A 323 -23.40 -7.22 -5.64
N PRO A 324 -23.22 -8.54 -5.72
CA PRO A 324 -21.94 -9.08 -6.20
C PRO A 324 -21.68 -8.65 -7.63
N GLY A 325 -20.43 -8.31 -7.92
CA GLY A 325 -20.04 -7.86 -9.24
C GLY A 325 -20.37 -6.41 -9.55
N ASP A 326 -20.98 -5.68 -8.62
CA ASP A 326 -21.20 -4.25 -8.85
C ASP A 326 -19.87 -3.53 -8.98
N THR A 327 -19.76 -2.65 -9.99
CA THR A 327 -18.56 -1.85 -10.22
C THR A 327 -18.83 -0.36 -10.07
N SER A 328 -19.94 0.03 -9.44
CA SER A 328 -20.32 1.43 -9.39
CA SER A 328 -20.33 1.44 -9.37
C SER A 328 -19.31 2.32 -8.69
N ASN A 329 -18.49 1.77 -7.79
CA ASN A 329 -17.54 2.58 -7.03
C ASN A 329 -16.19 2.76 -7.74
N PHE A 330 -16.07 2.30 -8.98
CA PHE A 330 -14.86 2.45 -9.77
C PHE A 330 -15.12 3.33 -10.98
N ASP A 331 -14.07 4.03 -11.39
CA ASP A 331 -14.13 4.87 -12.58
C ASP A 331 -14.08 3.98 -13.82
N ASP A 332 -14.45 4.56 -14.96
CA ASP A 332 -14.47 3.86 -16.23
C ASP A 332 -13.15 4.04 -16.96
N TYR A 333 -12.74 3.00 -17.70
CA TYR A 333 -11.49 2.99 -18.45
C TYR A 333 -11.75 2.43 -19.84
N GLU A 334 -10.87 2.81 -20.77
CA GLU A 334 -10.96 2.26 -22.12
C GLU A 334 -10.67 0.77 -22.09
N GLU A 335 -11.51 -0.01 -22.78
CA GLU A 335 -11.36 -1.46 -22.82
C GLU A 335 -10.55 -1.87 -24.04
N GLU A 336 -9.69 -2.86 -23.86
CA GLU A 336 -8.90 -3.41 -24.96
C GLU A 336 -8.88 -4.92 -24.82
N GLU A 337 -9.18 -5.63 -25.91
CA GLU A 337 -9.30 -7.08 -25.84
C GLU A 337 -7.96 -7.71 -25.48
N ILE A 338 -8.03 -8.81 -24.73
CA ILE A 338 -6.82 -9.54 -24.34
C ILE A 338 -6.43 -10.45 -25.51
N ARG A 339 -5.28 -10.18 -26.10
CA ARG A 339 -4.78 -10.94 -27.23
C ARG A 339 -3.65 -11.84 -26.76
N VAL A 340 -3.80 -13.15 -26.95
CA VAL A 340 -2.76 -14.10 -26.58
C VAL A 340 -2.02 -14.60 -27.82
N ILE A 342 0.43 -16.61 -30.43
CA ILE A 342 0.63 -18.04 -30.68
C ILE A 342 2.05 -18.48 -30.32
N ASN A 343 2.93 -17.50 -30.09
CA ASN A 343 4.31 -17.76 -29.71
C ASN A 343 4.57 -17.26 -28.29
N GLU A 344 5.34 -18.03 -27.53
CA GLU A 344 5.66 -17.64 -26.16
C GLU A 344 6.61 -16.44 -26.17
N LYS A 345 6.30 -15.44 -25.36
CA LYS A 345 7.12 -14.25 -25.24
C LYS A 345 7.82 -14.25 -23.89
N CYS A 346 9.12 -13.92 -23.91
CA CYS A 346 9.87 -13.67 -22.67
C CYS A 346 9.78 -14.85 -21.71
N GLY A 347 9.85 -16.07 -22.25
CA GLY A 347 9.70 -17.25 -21.41
C GLY A 347 10.81 -17.40 -20.38
N LYS A 348 12.05 -17.10 -20.77
CA LYS A 348 13.17 -17.25 -19.85
C LYS A 348 13.11 -16.22 -18.73
N GLU A 349 12.75 -14.97 -19.05
CA GLU A 349 12.71 -13.92 -18.05
C GLU A 349 11.65 -14.15 -16.97
N PHE A 350 10.64 -14.99 -17.23
CA PHE A 350 9.54 -15.16 -16.29
C PHE A 350 9.35 -16.61 -15.85
N THR A 351 10.45 -17.40 -15.86
CA THR A 351 10.36 -18.81 -15.50
C THR A 351 9.76 -19.00 -14.11
N GLU A 352 10.18 -18.18 -13.14
CA GLU A 352 9.79 -18.37 -11.74
C GLU A 352 8.33 -18.01 -11.47
N PHE A 353 7.68 -17.27 -12.36
CA PHE A 353 6.33 -16.80 -12.09
C PHE A 353 5.31 -17.95 -12.10
N ALA B 3 -0.22 24.60 -7.02
CA ALA B 3 -0.66 23.81 -8.17
C ALA B 3 0.09 22.49 -8.20
N GLY B 4 -0.62 21.41 -8.49
CA GLY B 4 0.01 20.10 -8.47
C GLY B 4 -0.90 19.07 -9.09
N ARG B 5 -0.49 17.81 -9.00
CA ARG B 5 -1.19 16.74 -9.73
C ARG B 5 -2.41 16.27 -8.95
N THR B 6 -3.58 16.34 -9.58
CA THR B 6 -4.82 15.94 -8.91
C THR B 6 -5.37 14.60 -9.37
N GLY B 7 -4.90 14.06 -10.49
CA GLY B 7 -5.38 12.78 -10.97
C GLY B 7 -4.54 11.61 -10.43
N ARG B 8 -4.87 10.41 -10.88
CA ARG B 8 -4.13 9.24 -10.43
C ARG B 8 -2.66 9.35 -10.84
N ARG B 9 -1.78 8.94 -9.93
CA ARG B 9 -0.33 9.12 -10.10
C ARG B 9 0.32 7.77 -10.37
N GLN B 10 1.10 7.72 -11.44
N GLN B 10 1.13 7.72 -11.43
CA GLN B 10 1.81 6.50 -11.82
CA GLN B 10 1.78 6.47 -11.81
C GLN B 10 3.06 6.36 -10.97
C GLN B 10 3.10 6.33 -11.08
N ALA B 11 3.36 5.13 -10.57
CA ALA B 11 4.62 4.87 -9.90
C ALA B 11 5.67 4.57 -10.96
N ILE B 12 6.92 4.90 -10.66
CA ILE B 12 8.02 4.80 -11.60
C ILE B 12 8.96 3.69 -11.12
N HIS B 13 9.32 2.78 -12.02
CA HIS B 13 10.16 1.66 -11.62
C HIS B 13 11.64 2.00 -11.57
N ASP B 14 12.09 3.02 -12.28
CA ASP B 14 13.53 3.28 -12.46
C ASP B 14 13.78 4.79 -12.47
N ILE B 15 14.96 5.19 -12.95
CA ILE B 15 15.34 6.59 -13.08
C ILE B 15 15.22 7.37 -11.77
#